data_8SR6
#
_entry.id   8SR6
#
_cell.length_a   69.320
_cell.length_b   69.320
_cell.length_c   196.010
_cell.angle_alpha   90.00
_cell.angle_beta   90.00
_cell.angle_gamma   120.00
#
_symmetry.space_group_name_H-M   'P 31 2 1'
#
loop_
_entity.id
_entity.type
_entity.pdbx_description
1 polymer 'Eukaryotic huntingtin interacting protein B'
2 polymer 'Histone 3 peptide'
3 non-polymer S-ADENOSYL-L-HOMOCYSTEINE
4 non-polymer GLYCEROL
5 non-polymer DI(HYDROXYETHYL)ETHER
6 non-polymer 1,2-ETHANEDIOL
7 non-polymer 'POTASSIUM ION'
8 water water
#
loop_
_entity_poly.entity_id
_entity_poly.type
_entity_poly.pdbx_seq_one_letter_code
_entity_poly.pdbx_strand_id
1 'polypeptide(L)'
;NADEWIDTSKIMLDLHIDNMSSSDYIPSAIDRTDLVMVQSVHLLRKTGGRGLFAREDIPKGTCIGIYTGEVYSEQEFEQY
LKEHVGSDKSYAMYVGGRVIDAARKGNLTRYINFSDSQDNAEFVETTLNRKKVAKVITTKNIKAGQQLLINYNTYEEQAS
RYYYFLNPGDGWLSAQEFYQTYQSQYRLEQMPYNLEGFDLKAGDRVLMTQIGRIILANYSLAKEQELNASDIDLPFLKVG
SDEKILDFDEADTFTPLMAACYLGQVENVKWLIEHGANIDQQQSHSGHCPLSLTLKGYSLAKDTQKYIDIIQLLIKNQVN
LLVHDRSDKTFLHNAALVLNNLDFQSVVKFLIGQNPIDINEYFTYIDENDFDIVMHCYNNKLFDKALVLLAFYPDYFKRN
YMSDNEGHNQFNINAFRKAIKDFNSNERSILLMQLRESGLHLPEDLLEQLG
;
A
2 'polypeptide(L)' TKQTARKSTGGKAPR B
#
# COMPACT_ATOMS: atom_id res chain seq x y z
N ASN A 1 -34.59 -28.27 10.34
CA ASN A 1 -33.69 -27.31 9.70
C ASN A 1 -32.33 -27.31 10.43
N ALA A 2 -31.25 -27.21 9.65
CA ALA A 2 -29.91 -27.28 10.24
C ALA A 2 -29.44 -25.93 10.76
N ASP A 3 -29.93 -24.82 10.11
CA ASP A 3 -29.53 -23.51 10.61
C ASP A 3 -29.97 -23.27 12.04
N GLU A 4 -30.98 -24.02 12.53
CA GLU A 4 -31.38 -23.89 13.92
C GLU A 4 -30.25 -24.22 14.89
N TRP A 5 -29.20 -24.90 14.43
CA TRP A 5 -28.07 -25.21 15.28
C TRP A 5 -26.96 -24.15 15.21
N ILE A 6 -27.13 -23.14 14.37
CA ILE A 6 -26.15 -22.07 14.21
C ILE A 6 -26.64 -20.89 15.02
N ASP A 7 -25.89 -20.53 16.07
CA ASP A 7 -26.21 -19.37 16.91
C ASP A 7 -25.29 -18.24 16.49
N THR A 8 -25.77 -17.40 15.55
CA THR A 8 -24.96 -16.29 15.08
C THR A 8 -24.87 -15.16 16.09
N SER A 9 -25.86 -15.02 16.98
CA SER A 9 -25.76 -14.04 18.04
CA SER A 9 -25.75 -14.04 18.05
C SER A 9 -24.47 -14.24 18.84
N LYS A 10 -24.18 -15.49 19.19
CA LYS A 10 -22.98 -15.79 19.96
C LYS A 10 -21.72 -15.66 19.11
N ILE A 11 -21.81 -15.98 17.82
CA ILE A 11 -20.68 -15.72 16.93
C ILE A 11 -20.28 -14.25 17.01
N MET A 12 -21.27 -13.36 16.86
CA MET A 12 -20.99 -11.93 16.83
C MET A 12 -20.53 -11.42 18.19
N LEU A 13 -21.15 -11.89 19.28
CA LEU A 13 -20.69 -11.51 20.60
C LEU A 13 -19.23 -11.93 20.81
N ASP A 14 -18.85 -13.09 20.30
CA ASP A 14 -17.49 -13.58 20.49
C ASP A 14 -16.51 -12.77 19.65
N LEU A 15 -16.91 -12.35 18.45
CA LEU A 15 -16.05 -11.56 17.57
C LEU A 15 -16.04 -10.07 17.88
N HIS A 16 -16.93 -9.61 18.76
CA HIS A 16 -17.07 -8.18 19.05
CA HIS A 16 -17.09 -8.17 19.05
C HIS A 16 -17.67 -7.42 17.87
N ILE A 17 -18.57 -8.06 17.12
CA ILE A 17 -19.31 -7.40 16.06
C ILE A 17 -20.60 -6.86 16.68
N ASP A 18 -20.80 -5.54 16.62
CA ASP A 18 -21.95 -4.92 17.26
C ASP A 18 -22.86 -4.16 16.30
N ASN A 19 -22.64 -4.26 14.98
CA ASN A 19 -23.43 -3.52 14.01
C ASN A 19 -24.07 -4.44 12.97
N MET A 20 -24.47 -5.64 13.37
CA MET A 20 -25.17 -6.57 12.48
C MET A 20 -26.28 -7.27 13.26
N SER A 21 -27.45 -7.40 12.62
CA SER A 21 -28.46 -8.31 13.15
C SER A 21 -28.00 -9.75 13.00
N SER A 22 -28.48 -10.61 13.91
CA SER A 22 -28.05 -12.00 13.88
C SER A 22 -28.47 -12.70 12.60
N SER A 23 -29.61 -12.31 12.03
CA SER A 23 -30.09 -12.92 10.79
C SER A 23 -29.35 -12.40 9.55
N ASP A 24 -28.40 -11.50 9.71
CA ASP A 24 -27.58 -11.02 8.61
C ASP A 24 -26.16 -11.56 8.63
N TYR A 25 -25.76 -12.29 9.68
CA TYR A 25 -24.42 -12.86 9.75
C TYR A 25 -24.43 -14.26 9.14
N ILE A 26 -23.63 -14.45 8.09
CA ILE A 26 -23.60 -15.69 7.32
C ILE A 26 -22.27 -16.41 7.53
N PRO A 27 -22.19 -17.37 8.43
CA PRO A 27 -20.92 -18.06 8.66
C PRO A 27 -20.62 -19.10 7.60
N SER A 28 -19.34 -19.43 7.46
CA SER A 28 -18.89 -20.60 6.75
C SER A 28 -18.19 -21.54 7.73
N ALA A 29 -18.01 -22.79 7.31
CA ALA A 29 -17.50 -23.82 8.21
C ALA A 29 -16.02 -23.65 8.52
N ILE A 30 -15.29 -22.91 7.69
CA ILE A 30 -13.85 -22.73 7.91
C ILE A 30 -13.55 -21.38 8.57
N ASP A 31 -14.57 -20.62 8.97
CA ASP A 31 -14.34 -19.35 9.65
C ASP A 31 -13.60 -19.60 10.96
N ARG A 32 -12.46 -18.91 11.15
CA ARG A 32 -11.67 -19.06 12.36
C ARG A 32 -11.95 -17.90 13.32
N THR A 33 -13.15 -17.93 13.91
CA THR A 33 -13.50 -16.91 14.88
C THR A 33 -12.64 -16.98 16.12
N ASP A 34 -11.90 -18.08 16.31
CA ASP A 34 -10.99 -18.20 17.44
C ASP A 34 -9.72 -17.39 17.23
N LEU A 35 -9.40 -17.00 15.99
CA LEU A 35 -8.13 -16.36 15.69
C LEU A 35 -8.23 -14.86 15.48
N VAL A 36 -9.43 -14.32 15.27
CA VAL A 36 -9.59 -12.92 14.89
C VAL A 36 -10.72 -12.31 15.71
N MET A 37 -10.85 -10.99 15.59
CA MET A 37 -11.86 -10.23 16.29
C MET A 37 -12.06 -8.90 15.57
N VAL A 38 -13.29 -8.42 15.56
CA VAL A 38 -13.61 -7.14 14.93
C VAL A 38 -13.47 -6.05 15.98
N GLN A 39 -12.82 -4.94 15.60
CA GLN A 39 -12.69 -3.78 16.47
C GLN A 39 -12.82 -2.51 15.66
N SER A 40 -13.01 -1.39 16.35
N SER A 40 -13.04 -1.40 16.36
CA SER A 40 -13.01 -0.10 15.69
CA SER A 40 -12.96 -0.10 15.71
C SER A 40 -11.58 0.28 15.29
C SER A 40 -11.54 0.14 15.21
N VAL A 41 -11.43 0.81 14.07
CA VAL A 41 -10.16 1.36 13.60
C VAL A 41 -10.20 2.85 13.94
N HIS A 42 -9.42 3.25 14.95
CA HIS A 42 -9.51 4.64 15.42
C HIS A 42 -9.36 5.63 14.28
N LEU A 43 -8.44 5.36 13.36
CA LEU A 43 -8.25 6.25 12.22
C LEU A 43 -9.54 6.53 11.47
N LEU A 44 -10.45 5.54 11.42
CA LEU A 44 -11.70 5.64 10.68
C LEU A 44 -12.86 6.08 11.55
N ARG A 45 -12.58 6.61 12.74
CA ARG A 45 -13.66 6.86 13.71
C ARG A 45 -14.72 7.82 13.17
N LYS A 46 -14.33 8.75 12.30
CA LYS A 46 -15.31 9.73 11.84
C LYS A 46 -16.31 9.14 10.86
N THR A 47 -16.12 7.89 10.43
CA THR A 47 -17.15 7.17 9.70
C THR A 47 -17.52 5.87 10.42
N GLY A 48 -17.12 5.72 11.68
CA GLY A 48 -17.42 4.50 12.41
C GLY A 48 -16.82 3.25 11.80
N GLY A 49 -15.67 3.39 11.13
CA GLY A 49 -15.09 2.27 10.45
C GLY A 49 -14.55 1.23 11.41
N ARG A 50 -14.67 -0.04 11.02
CA ARG A 50 -14.16 -1.15 11.79
C ARG A 50 -13.14 -1.90 10.95
N GLY A 51 -12.44 -2.82 11.62
CA GLY A 51 -11.49 -3.69 10.96
C GLY A 51 -11.42 -5.02 11.68
N LEU A 52 -10.69 -5.94 11.06
CA LEU A 52 -10.50 -7.28 11.59
C LEU A 52 -9.07 -7.38 12.09
N PHE A 53 -8.91 -7.86 13.32
CA PHE A 53 -7.62 -7.90 14.01
C PHE A 53 -7.30 -9.31 14.48
N ALA A 54 -6.01 -9.64 14.47
CA ALA A 54 -5.54 -10.90 15.03
C ALA A 54 -5.76 -10.92 16.54
N ARG A 55 -6.48 -11.95 17.01
CA ARG A 55 -6.62 -12.19 18.44
C ARG A 55 -5.43 -12.93 19.03
N GLU A 56 -4.67 -13.64 18.19
CA GLU A 56 -3.41 -14.23 18.59
C GLU A 56 -2.48 -14.17 17.39
N ASP A 57 -1.24 -14.63 17.57
CA ASP A 57 -0.36 -14.82 16.42
C ASP A 57 -1.00 -15.80 15.45
N ILE A 58 -0.91 -15.48 14.16
CA ILE A 58 -1.44 -16.33 13.10
C ILE A 58 -0.29 -16.64 12.15
N PRO A 59 0.03 -17.91 11.92
CA PRO A 59 1.11 -18.23 10.98
C PRO A 59 0.72 -17.90 9.55
N LYS A 60 1.73 -17.51 8.77
CA LYS A 60 1.52 -17.28 7.35
C LYS A 60 0.83 -18.48 6.71
N GLY A 61 -0.07 -18.20 5.77
CA GLY A 61 -0.74 -19.27 5.06
C GLY A 61 -1.91 -19.89 5.78
N THR A 62 -2.41 -19.27 6.85
CA THR A 62 -3.57 -19.79 7.57
C THR A 62 -4.86 -19.28 6.94
N CYS A 63 -5.81 -20.19 6.76
CA CYS A 63 -7.12 -19.80 6.23
CA CYS A 63 -7.12 -19.79 6.24
C CYS A 63 -7.92 -19.08 7.32
N ILE A 64 -8.47 -17.92 6.97
CA ILE A 64 -9.24 -17.10 7.91
C ILE A 64 -10.73 -17.36 7.78
N GLY A 65 -11.23 -17.50 6.57
CA GLY A 65 -12.64 -17.76 6.38
C GLY A 65 -13.03 -17.62 4.92
N ILE A 66 -14.34 -17.65 4.69
CA ILE A 66 -14.92 -17.51 3.36
C ILE A 66 -15.62 -16.16 3.28
N TYR A 67 -15.47 -15.48 2.16
CA TYR A 67 -16.15 -14.19 1.97
C TYR A 67 -17.60 -14.46 1.61
N THR A 68 -18.46 -14.51 2.63
CA THR A 68 -19.86 -14.80 2.46
C THR A 68 -20.65 -13.53 2.15
N GLY A 69 -21.87 -13.71 1.66
CA GLY A 69 -22.76 -12.58 1.43
C GLY A 69 -23.97 -13.00 0.62
N GLU A 70 -24.75 -11.98 0.24
CA GLU A 70 -25.89 -12.22 -0.64
C GLU A 70 -25.41 -12.49 -2.05
N VAL A 71 -26.07 -13.43 -2.72
CA VAL A 71 -25.61 -13.94 -4.00
C VAL A 71 -26.44 -13.34 -5.11
N TYR A 72 -25.77 -12.85 -6.16
CA TYR A 72 -26.42 -12.32 -7.35
C TYR A 72 -25.67 -12.81 -8.58
N SER A 73 -26.41 -12.95 -9.68
CA SER A 73 -25.74 -12.94 -10.96
C SER A 73 -25.28 -11.51 -11.26
N GLU A 74 -24.38 -11.37 -12.23
CA GLU A 74 -23.92 -10.03 -12.59
C GLU A 74 -25.08 -9.15 -13.03
N GLN A 75 -25.98 -9.70 -13.85
CA GLN A 75 -27.14 -8.94 -14.30
C GLN A 75 -28.03 -8.55 -13.12
N GLU A 76 -28.35 -9.53 -12.26
CA GLU A 76 -29.15 -9.23 -11.08
C GLU A 76 -28.51 -8.13 -10.25
N PHE A 77 -27.18 -8.17 -10.08
CA PHE A 77 -26.54 -7.18 -9.22
C PHE A 77 -26.58 -5.79 -9.84
N GLU A 78 -26.40 -5.70 -11.17
CA GLU A 78 -26.51 -4.40 -11.82
C GLU A 78 -27.92 -3.85 -11.66
N GLN A 79 -28.93 -4.71 -11.84
CA GLN A 79 -30.31 -4.26 -11.63
C GLN A 79 -30.54 -3.83 -10.18
N TYR A 80 -29.93 -4.54 -9.23
CA TYR A 80 -30.06 -4.16 -7.83
C TYR A 80 -29.51 -2.76 -7.59
N LEU A 81 -28.25 -2.53 -7.98
CA LEU A 81 -27.68 -1.19 -7.88
C LEU A 81 -28.60 -0.15 -8.51
N LYS A 82 -29.12 -0.44 -9.70
CA LYS A 82 -29.97 0.53 -10.39
C LYS A 82 -31.25 0.82 -9.62
N GLU A 83 -31.75 -0.16 -8.87
CA GLU A 83 -33.04 0.00 -8.20
C GLU A 83 -32.95 0.43 -6.74
N HIS A 84 -31.78 0.35 -6.11
CA HIS A 84 -31.64 0.66 -4.69
C HIS A 84 -30.75 1.88 -4.51
N VAL A 85 -31.38 3.05 -4.36
CA VAL A 85 -30.63 4.31 -4.27
C VAL A 85 -29.67 4.26 -3.09
N GLY A 86 -28.43 4.67 -3.33
CA GLY A 86 -27.42 4.66 -2.30
C GLY A 86 -26.64 3.36 -2.16
N SER A 87 -27.06 2.29 -2.83
CA SER A 87 -26.26 1.07 -2.82
C SER A 87 -25.02 1.26 -3.68
N ASP A 88 -23.95 0.56 -3.33
CA ASP A 88 -22.72 0.63 -4.09
C ASP A 88 -22.00 -0.71 -4.00
N LYS A 89 -20.80 -0.77 -4.57
CA LYS A 89 -20.02 -1.99 -4.70
C LYS A 89 -18.97 -2.15 -3.61
N SER A 90 -19.02 -1.33 -2.55
CA SER A 90 -17.97 -1.34 -1.53
C SER A 90 -17.74 -2.73 -0.97
N TYR A 91 -18.79 -3.54 -0.85
CA TYR A 91 -18.69 -4.88 -0.29
C TYR A 91 -18.89 -5.99 -1.31
N ALA A 92 -18.86 -5.68 -2.60
CA ALA A 92 -19.24 -6.63 -3.64
C ALA A 92 -18.01 -7.38 -4.15
N MET A 93 -18.00 -8.71 -3.97
CA MET A 93 -16.92 -9.57 -4.43
C MET A 93 -17.34 -10.23 -5.74
N TYR A 94 -16.62 -9.91 -6.83
CA TYR A 94 -16.89 -10.51 -8.13
C TYR A 94 -16.04 -11.76 -8.28
N VAL A 95 -16.68 -12.93 -8.36
CA VAL A 95 -15.94 -14.20 -8.37
C VAL A 95 -16.81 -15.25 -9.04
N GLY A 96 -16.17 -16.04 -9.90
CA GLY A 96 -16.83 -17.16 -10.55
C GLY A 96 -18.01 -16.78 -11.40
N GLY A 97 -17.99 -15.60 -12.00
CA GLY A 97 -19.13 -15.13 -12.75
C GLY A 97 -20.32 -14.71 -11.91
N ARG A 98 -20.21 -14.76 -10.58
CA ARG A 98 -21.24 -14.30 -9.66
C ARG A 98 -20.75 -13.08 -8.89
N VAL A 99 -21.66 -12.48 -8.14
CA VAL A 99 -21.36 -11.36 -7.26
C VAL A 99 -21.83 -11.73 -5.86
N ILE A 100 -20.91 -11.69 -4.90
CA ILE A 100 -21.19 -11.94 -3.49
C ILE A 100 -21.12 -10.59 -2.79
N ASP A 101 -22.27 -10.01 -2.48
CA ASP A 101 -22.34 -8.69 -1.85
C ASP A 101 -22.50 -8.85 -0.35
N ALA A 102 -21.47 -8.43 0.42
CA ALA A 102 -21.49 -8.46 1.86
C ALA A 102 -21.88 -7.10 2.47
N ALA A 103 -22.56 -6.25 1.70
CA ALA A 103 -22.89 -4.92 2.20
C ALA A 103 -23.94 -5.00 3.31
N ARG A 104 -24.91 -5.91 3.18
CA ARG A 104 -25.94 -6.09 4.18
C ARG A 104 -25.79 -7.36 4.99
N LYS A 105 -25.36 -8.46 4.37
CA LYS A 105 -25.17 -9.75 5.05
C LYS A 105 -23.78 -10.26 4.75
N GLY A 106 -23.17 -10.93 5.73
CA GLY A 106 -21.85 -11.49 5.53
C GLY A 106 -21.26 -11.96 6.85
N ASN A 107 -19.95 -12.24 6.82
CA ASN A 107 -19.24 -12.67 8.03
C ASN A 107 -18.02 -11.80 8.32
N LEU A 108 -17.15 -12.28 9.20
CA LEU A 108 -15.99 -11.51 9.66
C LEU A 108 -15.16 -10.97 8.49
N THR A 109 -15.09 -11.72 7.38
CA THR A 109 -14.26 -11.28 6.26
C THR A 109 -14.71 -9.95 5.68
N ARG A 110 -15.96 -9.53 5.93
CA ARG A 110 -16.43 -8.26 5.39
C ARG A 110 -15.78 -7.07 6.08
N TYR A 111 -15.05 -7.29 7.17
CA TYR A 111 -14.46 -6.20 7.93
C TYR A 111 -12.99 -5.95 7.61
N ILE A 112 -12.39 -6.73 6.72
CA ILE A 112 -10.99 -6.59 6.39
C ILE A 112 -10.81 -5.37 5.50
N ASN A 113 -9.99 -4.41 5.95
CA ASN A 113 -9.77 -3.17 5.21
C ASN A 113 -8.67 -3.33 4.17
N PHE A 114 -8.48 -2.29 3.38
CA PHE A 114 -7.69 -2.34 2.17
C PHE A 114 -6.25 -1.86 2.37
N SER A 115 -5.32 -2.56 1.71
CA SER A 115 -3.98 -2.07 1.47
C SER A 115 -3.39 -2.87 0.31
N ASP A 116 -2.69 -2.19 -0.60
CA ASP A 116 -2.03 -2.86 -1.71
C ASP A 116 -0.51 -2.92 -1.56
N SER A 117 0.03 -2.31 -0.52
CA SER A 117 1.45 -2.39 -0.24
C SER A 117 1.79 -3.03 1.11
N GLN A 118 0.81 -3.14 2.02
CA GLN A 118 1.04 -3.73 3.34
C GLN A 118 0.01 -4.80 3.67
N ASP A 119 -0.70 -5.31 2.67
CA ASP A 119 -1.60 -6.44 2.88
C ASP A 119 -0.83 -7.61 3.47
N ASN A 120 -1.42 -8.21 4.51
CA ASN A 120 -0.88 -9.42 5.12
C ASN A 120 -1.78 -10.62 4.86
N ALA A 121 -2.83 -10.45 4.05
CA ALA A 121 -3.73 -11.52 3.68
C ALA A 121 -4.20 -11.30 2.25
N GLU A 122 -4.76 -12.34 1.64
CA GLU A 122 -5.21 -12.25 0.27
C GLU A 122 -6.48 -13.06 0.04
N PHE A 123 -7.27 -12.60 -0.93
CA PHE A 123 -8.41 -13.33 -1.44
C PHE A 123 -7.95 -14.34 -2.49
N VAL A 124 -8.36 -15.60 -2.34
CA VAL A 124 -8.05 -16.63 -3.32
C VAL A 124 -9.32 -17.41 -3.62
N GLU A 125 -9.44 -17.83 -4.88
CA GLU A 125 -10.60 -18.61 -5.29
C GLU A 125 -10.53 -20.00 -4.69
N THR A 126 -11.67 -20.49 -4.20
CA THR A 126 -11.80 -21.85 -3.69
C THR A 126 -13.17 -22.37 -4.09
N THR A 127 -13.41 -23.64 -3.80
CA THR A 127 -14.65 -24.32 -4.12
C THR A 127 -15.46 -24.57 -2.85
N LEU A 128 -16.76 -24.33 -2.93
CA LEU A 128 -17.68 -24.54 -1.81
C LEU A 128 -18.99 -25.05 -2.39
N ASN A 129 -19.37 -26.26 -2.00
CA ASN A 129 -20.54 -26.94 -2.56
C ASN A 129 -20.56 -26.79 -4.07
N ARG A 130 -19.39 -26.99 -4.67
CA ARG A 130 -19.21 -27.06 -6.11
C ARG A 130 -19.41 -25.73 -6.82
N LYS A 131 -19.38 -24.61 -6.09
CA LYS A 131 -19.39 -23.30 -6.70
C LYS A 131 -18.14 -22.53 -6.28
N LYS A 132 -17.71 -21.58 -7.10
CA LYS A 132 -16.51 -20.80 -6.81
C LYS A 132 -16.84 -19.67 -5.85
N VAL A 133 -16.01 -19.52 -4.80
CA VAL A 133 -16.12 -18.42 -3.86
C VAL A 133 -14.71 -17.93 -3.54
N ALA A 134 -14.65 -16.86 -2.75
CA ALA A 134 -13.39 -16.27 -2.30
C ALA A 134 -13.15 -16.63 -0.84
N LYS A 135 -11.94 -17.10 -0.54
CA LYS A 135 -11.52 -17.35 0.82
C LYS A 135 -10.33 -16.45 1.14
N VAL A 136 -10.15 -16.18 2.43
CA VAL A 136 -9.10 -15.28 2.91
C VAL A 136 -7.99 -16.12 3.52
N ILE A 137 -6.75 -15.92 3.05
CA ILE A 137 -5.60 -16.65 3.57
C ILE A 137 -4.51 -15.64 3.93
N THR A 138 -3.88 -15.82 5.09
CA THR A 138 -2.81 -14.92 5.49
C THR A 138 -1.58 -15.15 4.60
N THR A 139 -0.95 -14.04 4.19
CA THR A 139 0.24 -14.07 3.37
C THR A 139 1.51 -13.78 4.17
N LYS A 140 1.37 -13.50 5.46
CA LYS A 140 2.51 -13.32 6.35
C LYS A 140 2.12 -13.80 7.75
N ASN A 141 3.14 -14.03 8.56
CA ASN A 141 2.91 -14.21 9.99
C ASN A 141 2.34 -12.93 10.59
N ILE A 142 1.24 -13.05 11.30
CA ILE A 142 0.55 -11.92 11.92
C ILE A 142 0.77 -12.01 13.42
N LYS A 143 1.22 -10.90 14.01
CA LYS A 143 1.35 -10.81 15.46
C LYS A 143 0.02 -10.42 16.06
N ALA A 144 -0.26 -10.94 17.26
CA ALA A 144 -1.52 -10.68 17.91
C ALA A 144 -1.75 -9.17 18.03
N GLY A 145 -2.98 -8.73 17.77
CA GLY A 145 -3.33 -7.33 17.86
C GLY A 145 -3.11 -6.53 16.59
N GLN A 146 -2.39 -7.06 15.61
CA GLN A 146 -2.24 -6.38 14.33
C GLN A 146 -3.53 -6.50 13.53
N GLN A 147 -3.79 -5.48 12.72
CA GLN A 147 -4.93 -5.49 11.83
C GLN A 147 -4.60 -6.26 10.56
N LEU A 148 -5.53 -7.11 10.14
CA LEU A 148 -5.40 -7.77 8.85
C LEU A 148 -5.75 -6.79 7.74
N LEU A 149 -4.96 -6.79 6.67
CA LEU A 149 -5.15 -5.90 5.55
C LEU A 149 -5.04 -6.72 4.28
N ILE A 150 -5.83 -6.35 3.27
CA ILE A 150 -6.01 -7.20 2.10
C ILE A 150 -6.17 -6.32 0.86
N ASN A 151 -5.63 -6.79 -0.25
CA ASN A 151 -5.79 -6.09 -1.52
C ASN A 151 -7.11 -6.50 -2.17
N TYR A 152 -7.94 -5.50 -2.54
CA TYR A 152 -9.22 -5.76 -3.15
C TYR A 152 -9.13 -6.13 -4.62
N ASN A 153 -7.97 -5.98 -5.24
CA ASN A 153 -7.72 -6.43 -6.61
C ASN A 153 -8.65 -5.75 -7.62
N THR A 154 -9.08 -4.53 -7.29
CA THR A 154 -9.87 -3.71 -8.20
C THR A 154 -9.30 -2.31 -8.19
N TYR A 155 -9.66 -1.52 -9.20
CA TYR A 155 -9.33 -0.10 -9.20
C TYR A 155 -10.54 0.70 -8.74
N GLU A 156 -10.29 1.67 -7.88
CA GLU A 156 -11.31 2.59 -7.37
C GLU A 156 -10.61 3.95 -7.19
N GLU A 157 -10.82 4.85 -8.15
CA GLU A 157 -10.16 6.15 -8.07
C GLU A 157 -10.46 6.84 -6.74
N GLN A 158 -11.71 6.74 -6.27
CA GLN A 158 -12.05 7.26 -4.96
C GLN A 158 -11.18 6.65 -3.88
N ALA A 159 -10.79 5.37 -4.03
CA ALA A 159 -9.93 4.73 -3.05
C ALA A 159 -8.55 5.40 -3.02
N SER A 160 -7.89 5.49 -4.18
CA SER A 160 -6.56 6.08 -4.22
C SER A 160 -6.57 7.54 -3.77
N ARG A 161 -7.68 8.24 -3.94
CA ARG A 161 -7.68 9.66 -3.58
C ARG A 161 -8.24 9.96 -2.18
N TYR A 162 -8.94 9.02 -1.54
CA TYR A 162 -9.56 9.31 -0.25
C TYR A 162 -9.30 8.29 0.86
N TYR A 163 -8.93 7.04 0.55
CA TYR A 163 -8.62 6.09 1.61
C TYR A 163 -7.46 6.60 2.46
N TYR A 164 -7.39 6.11 3.70
CA TYR A 164 -6.17 6.22 4.47
C TYR A 164 -5.18 5.14 4.04
N PHE A 165 -3.89 5.41 4.26
CA PHE A 165 -2.85 4.41 4.07
C PHE A 165 -2.71 3.64 5.39
N LEU A 166 -3.40 2.51 5.49
CA LEU A 166 -3.44 1.77 6.74
C LEU A 166 -2.18 0.93 6.93
N ASN A 167 -1.79 0.77 8.18
CA ASN A 167 -0.68 -0.07 8.61
C ASN A 167 -1.21 -1.22 9.47
N PRO A 168 -0.48 -2.34 9.53
CA PRO A 168 -0.90 -3.40 10.45
C PRO A 168 -0.95 -2.93 11.90
N GLY A 169 -0.18 -1.90 12.25
CA GLY A 169 -0.17 -1.35 13.59
C GLY A 169 -1.26 -0.37 13.93
N ASP A 170 -2.14 -0.05 12.97
CA ASP A 170 -3.25 0.88 13.21
C ASP A 170 -4.37 0.15 13.93
N GLY A 171 -4.62 0.51 15.18
CA GLY A 171 -5.58 -0.20 15.99
C GLY A 171 -6.78 0.59 16.46
N TRP A 172 -7.36 0.16 17.58
CA TRP A 172 -8.56 0.76 18.14
C TRP A 172 -8.26 1.87 19.14
N LEU A 173 -7.03 2.00 19.61
CA LEU A 173 -6.71 3.00 20.61
C LEU A 173 -6.47 4.36 19.97
N SER A 174 -6.82 5.41 20.69
CA SER A 174 -6.49 6.76 20.26
C SER A 174 -5.04 7.09 20.60
N ALA A 175 -4.53 8.18 20.03
CA ALA A 175 -3.17 8.60 20.36
C ALA A 175 -3.02 8.83 21.85
N GLN A 176 -4.02 9.47 22.47
CA GLN A 176 -4.02 9.66 23.92
C GLN A 176 -3.93 8.32 24.65
N GLU A 177 -4.80 7.37 24.30
CA GLU A 177 -4.77 6.06 24.96
C GLU A 177 -3.46 5.34 24.69
N PHE A 178 -2.92 5.44 23.47
CA PHE A 178 -1.66 4.79 23.17
C PHE A 178 -0.54 5.35 24.05
N TYR A 179 -0.48 6.68 24.19
CA TYR A 179 0.52 7.30 25.05
C TYR A 179 0.34 6.83 26.50
N GLN A 180 -0.88 6.87 27.00
CA GLN A 180 -1.12 6.41 28.37
C GLN A 180 -0.64 4.97 28.56
N THR A 181 -0.89 4.11 27.56
CA THR A 181 -0.52 2.71 27.66
C THR A 181 0.99 2.54 27.74
N TYR A 182 1.74 3.34 26.99
CA TYR A 182 3.19 3.21 26.90
C TYR A 182 3.91 4.44 27.44
N GLN A 183 3.34 5.06 28.48
CA GLN A 183 3.82 6.37 28.92
C GLN A 183 5.28 6.33 29.34
N SER A 184 5.71 5.27 30.03
CA SER A 184 7.08 5.22 30.52
C SER A 184 8.11 5.15 29.39
N GLN A 185 7.68 4.96 28.14
CA GLN A 185 8.57 4.94 27.00
C GLN A 185 8.66 6.28 26.29
N TYR A 186 7.94 7.30 26.78
CA TYR A 186 7.83 8.58 26.11
C TYR A 186 8.29 9.71 27.01
N ARG A 187 8.92 10.71 26.40
CA ARG A 187 9.30 11.94 27.07
C ARG A 187 8.88 13.10 26.18
N LEU A 188 8.34 14.13 26.80
CA LEU A 188 7.97 15.34 26.06
C LEU A 188 9.23 16.16 25.75
N GLU A 189 9.34 16.62 24.51
CA GLU A 189 10.49 17.41 24.09
C GLU A 189 10.00 18.56 23.23
N GLN A 190 10.84 19.59 23.13
CA GLN A 190 10.62 20.69 22.19
C GLN A 190 11.52 20.50 20.99
N MET A 191 10.95 20.63 19.79
CA MET A 191 11.75 20.53 18.58
C MET A 191 12.82 21.61 18.58
N PRO A 192 14.10 21.26 18.44
CA PRO A 192 15.17 22.28 18.44
C PRO A 192 15.47 22.88 17.08
N TYR A 193 14.91 22.32 16.00
CA TYR A 193 15.08 22.84 14.66
C TYR A 193 13.81 22.59 13.87
N ASN A 194 13.63 23.37 12.80
CA ASN A 194 12.50 23.11 11.91
C ASN A 194 12.69 21.76 11.23
N LEU A 195 11.57 21.19 10.78
CA LEU A 195 11.56 19.89 10.14
C LEU A 195 10.33 19.84 9.23
N GLU A 196 10.39 20.61 8.14
CA GLU A 196 9.23 20.76 7.25
C GLU A 196 8.76 19.41 6.72
N GLY A 197 9.67 18.46 6.54
CA GLY A 197 9.30 17.14 6.03
C GLY A 197 8.29 16.39 6.89
N PHE A 198 8.05 16.86 8.12
CA PHE A 198 7.01 16.30 8.97
C PHE A 198 6.16 17.42 9.58
N ASP A 199 6.17 18.60 8.97
CA ASP A 199 5.33 19.73 9.38
C ASP A 199 5.53 20.05 10.86
N LEU A 200 6.79 20.24 11.25
CA LEU A 200 7.16 20.64 12.60
C LEU A 200 8.03 21.88 12.51
N LYS A 201 7.71 22.88 13.33
CA LYS A 201 8.56 24.05 13.48
C LYS A 201 9.33 23.95 14.78
N ALA A 202 10.47 24.63 14.83
CA ALA A 202 11.21 24.74 16.07
C ALA A 202 10.26 25.16 17.19
N GLY A 203 10.40 24.49 18.35
CA GLY A 203 9.60 24.81 19.51
C GLY A 203 8.37 23.96 19.68
N ASP A 204 7.93 23.26 18.64
CA ASP A 204 6.77 22.37 18.79
C ASP A 204 7.02 21.33 19.87
N ARG A 205 5.97 20.97 20.59
CA ARG A 205 6.02 19.91 21.59
C ARG A 205 5.77 18.57 20.91
N VAL A 206 6.61 17.58 21.20
CA VAL A 206 6.53 16.26 20.59
C VAL A 206 6.90 15.21 21.64
N LEU A 207 6.11 14.16 21.73
CA LEU A 207 6.40 13.03 22.61
C LEU A 207 7.27 12.02 21.87
N MET A 208 8.44 11.70 22.43
CA MET A 208 9.42 10.88 21.75
C MET A 208 9.92 9.76 22.64
N THR A 209 10.27 8.65 22.02
CA THR A 209 10.96 7.57 22.70
C THR A 209 12.46 7.86 22.73
N GLN A 210 13.20 7.05 23.48
CA GLN A 210 14.65 7.22 23.51
C GLN A 210 15.24 7.08 22.10
N ILE A 211 14.78 6.08 21.35
CA ILE A 211 15.25 5.90 19.98
C ILE A 211 14.95 7.15 19.15
N GLY A 212 13.74 7.70 19.29
CA GLY A 212 13.40 8.88 18.52
C GLY A 212 14.27 10.08 18.89
N ARG A 213 14.49 10.30 20.18
CA ARG A 213 15.35 11.40 20.60
C ARG A 213 16.76 11.22 20.04
N ILE A 214 17.27 9.98 20.04
CA ILE A 214 18.60 9.75 19.47
C ILE A 214 18.61 10.09 17.99
N ILE A 215 17.56 9.71 17.25
CA ILE A 215 17.53 10.05 15.82
C ILE A 215 17.51 11.57 15.64
N LEU A 216 16.72 12.27 16.45
CA LEU A 216 16.59 13.72 16.28
C LEU A 216 17.85 14.46 16.70
N ALA A 217 18.64 13.89 17.61
CA ALA A 217 19.89 14.52 18.00
C ALA A 217 21.02 14.23 17.03
N ASN A 218 20.80 13.35 16.05
CA ASN A 218 21.85 12.95 15.11
C ASN A 218 22.91 12.08 15.79
N TYR A 219 22.57 11.44 16.90
CA TYR A 219 23.44 10.47 17.55
C TYR A 219 23.38 9.13 16.83
N SER A 220 24.22 8.20 17.27
CA SER A 220 24.32 6.88 16.67
C SER A 220 23.67 5.85 17.59
N LEU A 221 22.69 5.12 17.05
CA LEU A 221 22.02 4.09 17.85
C LEU A 221 22.96 2.96 18.21
N ALA A 222 23.90 2.61 17.33
CA ALA A 222 24.79 1.49 17.57
C ALA A 222 25.73 1.73 18.75
N LYS A 223 26.02 3.00 19.08
CA LYS A 223 26.87 3.31 20.21
C LYS A 223 26.12 3.29 21.53
N GLU A 224 24.79 3.16 21.50
CA GLU A 224 23.98 3.16 22.70
C GLU A 224 23.79 1.74 23.23
N GLN A 225 24.02 1.56 24.52
CA GLN A 225 23.63 0.34 25.20
C GLN A 225 22.21 0.49 25.75
N GLU A 226 21.65 -0.63 26.21
CA GLU A 226 20.33 -0.66 26.83
C GLU A 226 19.32 0.14 26.04
N LEU A 227 19.24 -0.15 24.74
CA LEU A 227 18.14 0.33 23.92
C LEU A 227 17.06 -0.73 23.87
N ASN A 228 15.81 -0.30 24.06
CA ASN A 228 14.66 -1.19 24.14
C ASN A 228 14.03 -1.27 22.74
N ALA A 229 14.43 -2.28 21.98
CA ALA A 229 13.95 -2.42 20.61
C ALA A 229 12.46 -2.66 20.49
N SER A 230 11.73 -2.73 21.61
CA SER A 230 10.29 -2.95 21.55
C SER A 230 9.59 -1.77 20.90
N ASP A 231 9.96 -0.54 21.28
CA ASP A 231 9.31 0.66 20.78
C ASP A 231 9.98 1.22 19.52
N ILE A 232 10.69 0.37 18.77
CA ILE A 232 11.42 0.83 17.59
C ILE A 232 10.51 1.54 16.60
N ASP A 233 9.24 1.12 16.50
CA ASP A 233 8.29 1.73 15.59
C ASP A 233 7.23 2.55 16.31
N LEU A 234 7.33 2.72 17.62
CA LEU A 234 6.41 3.62 18.31
C LEU A 234 6.59 5.03 17.74
N PRO A 235 5.50 5.75 17.48
CA PRO A 235 5.61 7.00 16.71
C PRO A 235 5.96 8.20 17.56
N PHE A 236 6.57 9.19 16.89
CA PHE A 236 6.54 10.55 17.41
C PHE A 236 5.08 11.00 17.48
N LEU A 237 4.68 11.56 18.62
CA LEU A 237 3.31 12.01 18.82
C LEU A 237 3.32 13.53 18.96
N LYS A 238 2.76 14.22 17.97
CA LYS A 238 2.69 15.68 18.03
C LYS A 238 1.64 16.12 19.04
N VAL A 239 1.88 17.29 19.64
CA VAL A 239 1.01 17.83 20.67
C VAL A 239 0.45 19.17 20.19
N GLY A 240 -0.87 19.32 20.26
CA GLY A 240 -1.54 20.47 19.71
C GLY A 240 -1.30 21.74 20.51
N SER A 241 -1.87 22.84 19.99
CA SER A 241 -1.71 24.14 20.64
C SER A 241 -2.40 24.17 22.00
N ASP A 242 -3.53 23.47 22.15
CA ASP A 242 -4.25 23.36 23.42
C ASP A 242 -3.56 22.42 24.41
N GLU A 243 -2.33 22.00 24.10
CA GLU A 243 -1.53 21.10 24.93
C GLU A 243 -2.14 19.71 25.04
N LYS A 244 -2.96 19.29 24.09
CA LYS A 244 -3.44 17.93 24.02
C LYS A 244 -2.80 17.23 22.82
N ILE A 245 -2.70 15.91 22.91
CA ILE A 245 -2.08 15.13 21.84
C ILE A 245 -2.95 15.16 20.61
N LEU A 246 -2.33 15.31 19.45
CA LEU A 246 -3.05 15.18 18.19
C LEU A 246 -3.40 13.71 17.96
N ASP A 247 -4.69 13.44 17.70
CA ASP A 247 -5.11 12.08 17.43
C ASP A 247 -4.58 11.63 16.06
N PHE A 248 -4.69 10.33 15.81
CA PHE A 248 -4.11 9.76 14.59
C PHE A 248 -4.76 10.31 13.32
N ASP A 249 -6.04 10.68 13.38
CA ASP A 249 -6.72 11.24 12.22
C ASP A 249 -6.61 12.76 12.16
N GLU A 250 -5.93 13.37 13.12
CA GLU A 250 -5.74 14.81 13.16
C GLU A 250 -4.35 15.24 12.70
N ALA A 251 -3.41 14.31 12.64
CA ALA A 251 -2.03 14.60 12.26
C ALA A 251 -1.29 13.30 11.99
N ASP A 252 -0.52 13.24 10.91
CA ASP A 252 0.28 12.06 10.65
C ASP A 252 1.41 11.96 11.67
N THR A 253 1.61 10.75 12.21
CA THR A 253 2.80 10.44 12.98
C THR A 253 3.89 9.93 12.04
N PHE A 254 5.08 9.69 12.61
CA PHE A 254 6.16 9.09 11.86
C PHE A 254 6.98 8.25 12.82
N THR A 255 7.74 7.31 12.25
CA THR A 255 8.57 6.41 13.03
C THR A 255 10.01 6.90 13.06
N PRO A 256 10.82 6.39 13.98
CA PRO A 256 12.26 6.72 13.93
C PRO A 256 12.89 6.39 12.59
N LEU A 257 12.45 5.33 11.91
CA LEU A 257 13.04 4.98 10.62
C LEU A 257 12.67 5.98 9.54
N MET A 258 11.40 6.41 9.51
CA MET A 258 11.02 7.49 8.60
C MET A 258 11.93 8.71 8.79
N ALA A 259 12.17 9.09 10.04
CA ALA A 259 12.99 10.27 10.31
C ALA A 259 14.44 10.03 9.88
N ALA A 260 15.01 8.88 10.25
CA ALA A 260 16.38 8.56 9.84
C ALA A 260 16.54 8.62 8.34
N CYS A 261 15.55 8.12 7.59
CA CYS A 261 15.59 8.22 6.14
C CYS A 261 15.56 9.67 5.67
N TYR A 262 14.57 10.44 6.14
CA TYR A 262 14.47 11.83 5.72
C TYR A 262 15.76 12.59 5.99
N LEU A 263 16.40 12.31 7.12
CA LEU A 263 17.61 13.01 7.54
C LEU A 263 18.89 12.45 6.89
N GLY A 264 18.82 11.26 6.29
CA GLY A 264 19.99 10.70 5.64
C GLY A 264 20.98 10.04 6.58
N GLN A 265 20.52 9.56 7.74
CA GLN A 265 21.39 8.91 8.72
C GLN A 265 21.57 7.45 8.32
N VAL A 266 22.58 7.19 7.48
CA VAL A 266 22.73 5.88 6.85
C VAL A 266 22.87 4.78 7.90
N GLU A 267 23.81 4.94 8.83
CA GLU A 267 24.05 3.89 9.82
C GLU A 267 22.84 3.70 10.72
N ASN A 268 22.15 4.79 11.08
CA ASN A 268 20.94 4.65 11.87
C ASN A 268 19.85 3.92 11.10
N VAL A 269 19.77 4.17 9.79
CA VAL A 269 18.81 3.44 8.95
C VAL A 269 19.13 1.95 8.97
N LYS A 270 20.42 1.60 8.79
CA LYS A 270 20.83 0.21 8.83
C LYS A 270 20.44 -0.41 10.17
N TRP A 271 20.72 0.30 11.26
CA TRP A 271 20.43 -0.21 12.59
C TRP A 271 18.94 -0.46 12.77
N LEU A 272 18.13 0.53 12.41
CA LEU A 272 16.67 0.41 12.54
C LEU A 272 16.15 -0.77 11.74
N ILE A 273 16.56 -0.88 10.47
CA ILE A 273 16.11 -2.00 9.66
C ILE A 273 16.49 -3.32 10.31
N GLU A 274 17.76 -3.46 10.70
CA GLU A 274 18.22 -4.71 11.30
C GLU A 274 17.51 -5.04 12.60
N HIS A 275 16.97 -4.05 13.30
CA HIS A 275 16.24 -4.34 14.53
C HIS A 275 14.72 -4.38 14.33
N GLY A 276 14.27 -4.52 13.09
CA GLY A 276 12.89 -4.86 12.83
C GLY A 276 11.94 -3.72 12.50
N ALA A 277 12.45 -2.53 12.18
CA ALA A 277 11.56 -1.44 11.81
C ALA A 277 10.82 -1.75 10.53
N ASN A 278 9.53 -1.47 10.50
CA ASN A 278 8.71 -1.70 9.31
C ASN A 278 9.17 -0.74 8.23
N ILE A 279 9.96 -1.26 7.28
CA ILE A 279 10.47 -0.45 6.18
C ILE A 279 9.37 -0.03 5.20
N ASP A 280 8.14 -0.51 5.38
CA ASP A 280 7.03 -0.16 4.51
C ASP A 280 6.00 0.70 5.22
N GLN A 281 6.31 1.19 6.42
CA GLN A 281 5.38 2.00 7.18
C GLN A 281 4.99 3.25 6.39
N GLN A 282 3.71 3.61 6.47
CA GLN A 282 3.16 4.74 5.73
C GLN A 282 2.42 5.68 6.66
N GLN A 283 2.63 6.98 6.45
CA GLN A 283 1.83 7.96 7.17
C GLN A 283 0.39 7.91 6.67
N SER A 284 -0.55 8.08 7.61
CA SER A 284 -1.95 7.79 7.32
C SER A 284 -2.51 8.69 6.22
N HIS A 285 -2.34 10.00 6.36
CA HIS A 285 -2.93 10.95 5.40
C HIS A 285 -2.07 11.08 4.15
N SER A 286 -0.78 11.36 4.32
CA SER A 286 0.08 11.70 3.21
C SER A 286 0.52 10.48 2.40
N GLY A 287 0.61 9.31 3.04
CA GLY A 287 1.17 8.14 2.39
C GLY A 287 2.68 8.06 2.41
N HIS A 288 3.37 9.09 2.91
CA HIS A 288 4.82 9.08 2.90
C HIS A 288 5.36 7.88 3.67
N CYS A 289 6.43 7.30 3.15
CA CYS A 289 7.06 6.12 3.69
C CYS A 289 8.57 6.32 3.66
N PRO A 290 9.35 5.37 4.19
CA PRO A 290 10.82 5.48 4.05
C PRO A 290 11.30 5.76 2.63
N LEU A 291 10.75 5.09 1.62
CA LEU A 291 11.19 5.33 0.24
C LEU A 291 10.92 6.77 -0.17
N SER A 292 9.67 7.23 -0.04
CA SER A 292 9.32 8.58 -0.48
C SER A 292 10.06 9.63 0.33
N LEU A 293 10.27 9.39 1.62
CA LEU A 293 10.97 10.36 2.44
C LEU A 293 12.46 10.39 2.14
N THR A 294 13.05 9.26 1.77
CA THR A 294 14.43 9.27 1.29
C THR A 294 14.54 10.10 0.02
N LEU A 295 13.60 9.90 -0.91
CA LEU A 295 13.57 10.73 -2.11
C LEU A 295 13.46 12.22 -1.75
N LYS A 296 12.60 12.54 -0.80
CA LYS A 296 12.43 13.93 -0.36
C LYS A 296 13.75 14.49 0.17
N GLY A 297 14.39 13.78 1.09
CA GLY A 297 15.67 14.22 1.61
C GLY A 297 16.71 14.40 0.52
N TYR A 298 16.71 13.49 -0.46
CA TYR A 298 17.62 13.64 -1.59
C TYR A 298 17.35 14.93 -2.35
N SER A 299 16.07 15.27 -2.56
CA SER A 299 15.75 16.49 -3.29
C SER A 299 16.25 17.74 -2.56
N LEU A 300 16.34 17.68 -1.24
CA LEU A 300 16.81 18.80 -0.42
C LEU A 300 18.09 18.39 0.27
N ALA A 301 19.20 18.40 -0.47
CA ALA A 301 20.46 17.98 0.12
C ALA A 301 21.60 18.27 -0.84
N LYS A 302 22.73 18.70 -0.29
CA LYS A 302 23.97 18.77 -1.05
C LYS A 302 24.69 17.43 -1.08
N ASP A 303 24.56 16.64 -0.02
CA ASP A 303 25.12 15.29 0.05
C ASP A 303 24.02 14.32 -0.37
N THR A 304 23.96 14.04 -1.68
CA THR A 304 22.96 13.11 -2.19
C THR A 304 23.39 11.66 -2.04
N GLN A 305 24.67 11.40 -1.78
CA GLN A 305 25.14 10.02 -1.77
C GLN A 305 24.54 9.23 -0.62
N LYS A 306 24.44 9.83 0.58
CA LYS A 306 23.88 9.10 1.70
C LYS A 306 22.44 8.67 1.42
N TYR A 307 21.69 9.47 0.65
CA TYR A 307 20.33 9.06 0.30
C TYR A 307 20.33 7.91 -0.69
N ILE A 308 21.24 7.93 -1.66
CA ILE A 308 21.36 6.78 -2.56
C ILE A 308 21.72 5.53 -1.78
N ASP A 309 22.59 5.67 -0.77
CA ASP A 309 22.95 4.53 0.07
C ASP A 309 21.74 4.03 0.87
N ILE A 310 20.89 4.94 1.32
CA ILE A 310 19.70 4.52 2.06
C ILE A 310 18.71 3.81 1.15
N ILE A 311 18.54 4.31 -0.08
CA ILE A 311 17.71 3.61 -1.05
C ILE A 311 18.27 2.21 -1.30
N GLN A 312 19.59 2.10 -1.37
CA GLN A 312 20.24 0.81 -1.59
C GLN A 312 19.96 -0.14 -0.43
N LEU A 313 20.10 0.35 0.80
CA LEU A 313 19.77 -0.45 1.99
C LEU A 313 18.33 -0.95 1.91
N LEU A 314 17.40 -0.02 1.67
CA LEU A 314 15.99 -0.38 1.61
C LEU A 314 15.75 -1.46 0.57
N ILE A 315 16.32 -1.30 -0.62
CA ILE A 315 16.10 -2.27 -1.68
C ILE A 315 16.73 -3.61 -1.32
N LYS A 316 17.89 -3.58 -0.65
CA LYS A 316 18.53 -4.82 -0.23
C LYS A 316 17.66 -5.57 0.77
N ASN A 317 16.87 -4.86 1.56
CA ASN A 317 15.98 -5.49 2.53
C ASN A 317 14.53 -5.65 2.02
N GLN A 318 14.36 -5.83 0.71
CA GLN A 318 13.07 -6.20 0.13
C GLN A 318 11.98 -5.15 0.38
N VAL A 319 12.34 -3.87 0.42
CA VAL A 319 11.35 -2.81 0.56
C VAL A 319 10.35 -2.94 -0.58
N ASN A 320 9.11 -2.54 -0.35
CA ASN A 320 8.08 -2.66 -1.39
C ASN A 320 8.16 -1.44 -2.29
N LEU A 321 8.77 -1.62 -3.46
CA LEU A 321 8.85 -0.54 -4.44
C LEU A 321 7.53 -0.28 -5.15
N LEU A 322 6.54 -1.15 -5.01
CA LEU A 322 5.24 -0.93 -5.63
C LEU A 322 4.31 -0.05 -4.80
N VAL A 323 4.76 0.42 -3.63
CA VAL A 323 4.01 1.45 -2.92
C VAL A 323 3.79 2.62 -3.86
N HIS A 324 2.69 3.34 -3.66
CA HIS A 324 2.35 4.44 -4.55
C HIS A 324 1.71 5.57 -3.78
N ASP A 325 1.88 6.79 -4.29
CA ASP A 325 1.25 7.98 -3.74
C ASP A 325 -0.20 8.04 -4.22
N ARG A 326 -0.87 9.16 -3.96
CA ARG A 326 -2.30 9.26 -4.26
C ARG A 326 -2.56 9.38 -5.75
N SER A 327 -1.56 9.74 -6.55
CA SER A 327 -1.70 9.73 -8.00
C SER A 327 -1.33 8.38 -8.60
N ASP A 328 -1.21 7.34 -7.77
CA ASP A 328 -0.85 6.00 -8.23
C ASP A 328 0.52 5.98 -8.90
N LYS A 329 1.41 6.88 -8.49
CA LYS A 329 2.80 6.82 -8.92
C LYS A 329 3.57 5.91 -7.96
N THR A 330 4.25 4.90 -8.51
CA THR A 330 5.07 4.02 -7.71
C THR A 330 6.43 4.68 -7.43
N PHE A 331 7.32 3.95 -6.75
CA PHE A 331 8.63 4.51 -6.44
C PHE A 331 9.42 4.81 -7.72
N LEU A 332 9.34 3.94 -8.72
CA LEU A 332 10.10 4.20 -9.94
C LEU A 332 9.54 5.43 -10.67
N HIS A 333 8.22 5.58 -10.68
CA HIS A 333 7.61 6.82 -11.18
C HIS A 333 8.30 8.04 -10.59
N ASN A 334 8.24 8.19 -9.26
CA ASN A 334 8.67 9.44 -8.63
C ASN A 334 10.18 9.58 -8.62
N ALA A 335 10.90 8.46 -8.50
CA ALA A 335 12.36 8.50 -8.57
C ALA A 335 12.82 8.96 -9.94
N ALA A 336 12.07 8.62 -11.00
CA ALA A 336 12.38 9.16 -12.31
C ALA A 336 12.35 10.68 -12.27
N LEU A 337 11.44 11.25 -11.47
CA LEU A 337 11.32 12.71 -11.42
C LEU A 337 12.36 13.35 -10.51
N VAL A 338 12.76 12.69 -9.43
CA VAL A 338 13.60 13.31 -8.41
C VAL A 338 15.09 13.05 -8.64
N LEU A 339 15.47 11.84 -9.00
CA LEU A 339 16.88 11.50 -9.14
C LEU A 339 17.44 12.03 -10.44
N ASN A 340 18.71 12.43 -10.42
CA ASN A 340 19.39 12.76 -11.65
C ASN A 340 19.67 11.48 -12.44
N ASN A 341 20.17 11.66 -13.67
CA ASN A 341 20.31 10.51 -14.57
C ASN A 341 21.23 9.46 -13.98
N LEU A 342 22.41 9.87 -13.53
CA LEU A 342 23.38 8.90 -13.00
C LEU A 342 22.80 8.13 -11.81
N ASP A 343 22.15 8.85 -10.89
CA ASP A 343 21.62 8.20 -9.69
C ASP A 343 20.43 7.30 -10.03
N PHE A 344 19.56 7.74 -10.94
CA PHE A 344 18.47 6.88 -11.38
C PHE A 344 19.01 5.59 -11.99
N GLN A 345 20.05 5.70 -12.82
CA GLN A 345 20.69 4.52 -13.38
C GLN A 345 21.23 3.63 -12.27
N SER A 346 21.89 4.22 -11.28
CA SER A 346 22.47 3.44 -10.19
C SER A 346 21.38 2.69 -9.41
N VAL A 347 20.23 3.33 -9.19
CA VAL A 347 19.17 2.70 -8.41
C VAL A 347 18.52 1.58 -9.21
N VAL A 348 18.31 1.78 -10.50
CA VAL A 348 17.81 0.69 -11.34
C VAL A 348 18.81 -0.47 -11.34
N LYS A 349 20.11 -0.14 -11.29
CA LYS A 349 21.14 -1.19 -11.22
C LYS A 349 21.04 -1.98 -9.92
N PHE A 350 20.89 -1.28 -8.80
CA PHE A 350 20.63 -1.95 -7.52
C PHE A 350 19.48 -2.94 -7.67
N LEU A 351 18.33 -2.44 -8.15
CA LEU A 351 17.15 -3.29 -8.30
C LEU A 351 17.45 -4.50 -9.17
N ILE A 352 18.11 -4.29 -10.31
CA ILE A 352 18.61 -5.35 -11.17
C ILE A 352 19.36 -6.39 -10.33
N GLY A 353 20.29 -5.91 -9.52
CA GLY A 353 21.14 -6.78 -8.71
C GLY A 353 20.41 -7.53 -7.63
N GLN A 354 19.19 -7.12 -7.29
CA GLN A 354 18.39 -7.96 -6.40
C GLN A 354 17.76 -9.14 -7.13
N ASN A 355 17.88 -9.19 -8.46
CA ASN A 355 17.40 -10.30 -9.28
C ASN A 355 15.91 -10.53 -9.10
N PRO A 356 15.07 -9.51 -9.29
CA PRO A 356 13.63 -9.70 -9.10
C PRO A 356 13.08 -10.81 -9.98
N ILE A 357 12.11 -11.55 -9.43
CA ILE A 357 11.53 -12.67 -10.16
C ILE A 357 10.76 -12.17 -11.38
N ASP A 358 9.80 -11.28 -11.16
CA ASP A 358 8.99 -10.71 -12.25
C ASP A 358 9.33 -9.22 -12.35
N ILE A 359 10.28 -8.90 -13.23
CA ILE A 359 10.59 -7.50 -13.50
C ILE A 359 9.39 -6.79 -14.09
N ASN A 360 8.56 -7.51 -14.85
CA ASN A 360 7.43 -6.87 -15.53
C ASN A 360 6.44 -6.29 -14.54
N GLU A 361 6.37 -6.84 -13.33
CA GLU A 361 5.47 -6.28 -12.32
C GLU A 361 5.70 -4.79 -12.16
N TYR A 362 6.97 -4.37 -12.17
CA TYR A 362 7.29 -2.96 -12.00
C TYR A 362 6.81 -2.10 -13.15
N PHE A 363 6.59 -2.69 -14.33
CA PHE A 363 6.22 -1.94 -15.52
C PHE A 363 4.73 -1.98 -15.83
N THR A 364 3.92 -2.65 -15.01
CA THR A 364 2.48 -2.74 -15.27
C THR A 364 1.65 -1.81 -14.41
N TYR A 365 2.24 -1.12 -13.45
CA TYR A 365 1.50 -0.17 -12.63
C TYR A 365 1.39 1.16 -13.36
N ILE A 366 0.16 1.62 -13.56
CA ILE A 366 -0.09 2.86 -14.28
C ILE A 366 -0.61 3.90 -13.30
N ASP A 367 -0.22 5.16 -13.53
CA ASP A 367 -0.61 6.25 -12.65
C ASP A 367 -2.00 6.77 -13.07
N GLU A 368 -2.41 7.90 -12.48
CA GLU A 368 -3.75 8.41 -12.75
C GLU A 368 -3.95 8.79 -14.20
N ASN A 369 -2.87 9.00 -14.96
CA ASN A 369 -2.96 9.26 -16.39
C ASN A 369 -2.83 8.00 -17.23
N ASP A 370 -2.79 6.83 -16.59
CA ASP A 370 -2.62 5.56 -17.29
C ASP A 370 -1.20 5.40 -17.86
N PHE A 371 -0.21 6.06 -17.26
CA PHE A 371 1.18 5.94 -17.69
C PHE A 371 1.90 4.95 -16.79
N ASP A 372 2.51 3.93 -17.40
CA ASP A 372 3.46 3.12 -16.67
C ASP A 372 4.78 3.87 -16.59
N ILE A 373 5.81 3.27 -15.98
CA ILE A 373 7.02 4.02 -15.70
C ILE A 373 7.71 4.48 -17.00
N VAL A 374 7.66 3.66 -18.05
CA VAL A 374 8.28 4.05 -19.33
C VAL A 374 7.52 5.20 -19.97
N MET A 375 6.20 5.03 -20.15
CA MET A 375 5.36 6.12 -20.64
C MET A 375 5.56 7.37 -19.80
N HIS A 376 5.73 7.19 -18.49
CA HIS A 376 5.90 8.32 -17.58
C HIS A 376 7.17 9.09 -17.92
N CYS A 377 8.31 8.39 -18.01
CA CYS A 377 9.54 9.04 -18.44
C CYS A 377 9.32 9.81 -19.73
N TYR A 378 8.74 9.15 -20.74
CA TYR A 378 8.61 9.81 -22.04
C TYR A 378 7.73 11.04 -21.95
N ASN A 379 6.63 10.96 -21.21
CA ASN A 379 5.74 12.11 -21.06
C ASN A 379 6.42 13.27 -20.34
N ASN A 380 7.43 12.99 -19.51
CA ASN A 380 8.22 14.07 -18.94
C ASN A 380 9.49 14.35 -19.71
N LYS A 381 9.70 13.67 -20.84
CA LYS A 381 10.85 13.92 -21.73
C LYS A 381 12.17 13.50 -21.09
N LEU A 382 12.12 12.47 -20.24
CA LEU A 382 13.30 11.89 -19.61
C LEU A 382 13.83 10.75 -20.48
N PHE A 383 14.30 11.15 -21.68
CA PHE A 383 14.75 10.16 -22.65
C PHE A 383 15.85 9.27 -22.09
N ASP A 384 16.80 9.86 -21.35
CA ASP A 384 17.89 9.08 -20.78
C ASP A 384 17.35 8.04 -19.79
N LYS A 385 16.44 8.45 -18.90
CA LYS A 385 15.89 7.51 -17.94
C LYS A 385 15.00 6.48 -18.61
N ALA A 386 14.29 6.87 -19.68
CA ALA A 386 13.52 5.90 -20.44
C ALA A 386 14.43 4.83 -21.04
N LEU A 387 15.60 5.25 -21.57
CA LEU A 387 16.55 4.27 -22.09
C LEU A 387 17.10 3.40 -20.97
N VAL A 388 17.34 3.97 -19.79
CA VAL A 388 17.80 3.17 -18.66
C VAL A 388 16.77 2.10 -18.33
N LEU A 389 15.49 2.46 -18.33
CA LEU A 389 14.43 1.49 -18.06
C LEU A 389 14.34 0.44 -19.15
N LEU A 390 14.52 0.83 -20.41
CA LEU A 390 14.47 -0.15 -21.49
C LEU A 390 15.64 -1.11 -21.42
N ALA A 391 16.83 -0.63 -21.03
CA ALA A 391 17.97 -1.54 -20.87
C ALA A 391 17.77 -2.47 -19.68
N PHE A 392 17.23 -1.95 -18.58
CA PHE A 392 16.83 -2.81 -17.47
C PHE A 392 15.96 -3.95 -17.96
N TYR A 393 14.91 -3.62 -18.72
CA TYR A 393 13.88 -4.58 -19.11
C TYR A 393 13.63 -4.49 -20.61
N PRO A 394 14.41 -5.21 -21.42
CA PRO A 394 14.22 -5.13 -22.88
C PRO A 394 12.87 -5.65 -23.35
N ASP A 395 12.28 -6.61 -22.62
CA ASP A 395 11.02 -7.26 -22.97
C ASP A 395 9.79 -6.39 -22.76
N TYR A 396 9.97 -5.13 -22.35
CA TYR A 396 8.84 -4.28 -21.99
C TYR A 396 7.77 -4.26 -23.08
N PHE A 397 8.17 -3.88 -24.30
CA PHE A 397 7.22 -3.83 -25.41
C PHE A 397 6.69 -5.22 -25.75
N LYS A 398 7.57 -6.22 -25.79
CA LYS A 398 7.13 -7.57 -26.09
C LYS A 398 6.03 -8.01 -25.13
N ARG A 399 6.22 -7.76 -23.83
CA ARG A 399 5.30 -8.33 -22.85
C ARG A 399 4.06 -7.48 -22.61
N ASN A 400 4.11 -6.17 -22.90
CA ASN A 400 2.96 -5.32 -22.63
C ASN A 400 2.28 -4.77 -23.88
N TYR A 401 2.87 -4.93 -25.05
CA TYR A 401 2.26 -4.47 -26.29
C TYR A 401 2.01 -5.58 -27.29
N MET A 402 2.63 -6.74 -27.12
CA MET A 402 2.47 -7.87 -28.03
C MET A 402 2.17 -9.14 -27.26
N SER A 403 1.40 -9.02 -26.18
CA SER A 403 0.98 -10.18 -25.40
C SER A 403 -0.13 -10.92 -26.13
N ASP A 404 -0.73 -11.90 -25.48
CA ASP A 404 -1.90 -12.58 -26.01
C ASP A 404 -3.21 -11.90 -25.62
N ASN A 405 -3.13 -10.78 -24.90
CA ASN A 405 -4.29 -10.02 -24.46
C ASN A 405 -4.38 -8.76 -25.34
N GLU A 406 -5.16 -8.84 -26.42
CA GLU A 406 -5.23 -7.74 -27.37
C GLU A 406 -5.81 -6.49 -26.72
N GLY A 407 -6.76 -6.65 -25.80
CA GLY A 407 -7.27 -5.50 -25.08
C GLY A 407 -6.17 -4.74 -24.36
N HIS A 408 -5.35 -5.46 -23.59
CA HIS A 408 -4.22 -4.84 -22.91
C HIS A 408 -3.27 -4.20 -23.90
N ASN A 409 -2.92 -4.93 -24.95
CA ASN A 409 -1.97 -4.42 -25.93
C ASN A 409 -2.44 -3.08 -26.48
N GLN A 410 -3.72 -2.99 -26.86
CA GLN A 410 -4.22 -1.77 -27.46
C GLN A 410 -4.34 -0.66 -26.42
N PHE A 411 -4.77 -0.98 -25.20
CA PHE A 411 -4.77 0.03 -24.15
C PHE A 411 -3.36 0.63 -23.97
N ASN A 412 -2.34 -0.22 -24.03
CA ASN A 412 -0.98 0.28 -23.82
C ASN A 412 -0.50 1.09 -25.02
N ILE A 413 -0.83 0.66 -26.24
CA ILE A 413 -0.50 1.47 -27.41
C ILE A 413 -1.13 2.85 -27.29
N ASN A 414 -2.41 2.89 -26.92
CA ASN A 414 -3.10 4.18 -26.79
C ASN A 414 -2.49 5.03 -25.69
N ALA A 415 -2.13 4.40 -24.57
CA ALA A 415 -1.53 5.15 -23.47
C ALA A 415 -0.15 5.70 -23.85
N PHE A 416 0.61 4.93 -24.62
CA PHE A 416 1.91 5.40 -25.09
C PHE A 416 1.73 6.58 -26.05
N ARG A 417 0.84 6.44 -27.03
CA ARG A 417 0.53 7.56 -27.91
C ARG A 417 0.11 8.79 -27.12
N LYS A 418 -0.73 8.60 -26.09
CA LYS A 418 -1.13 9.72 -25.27
C LYS A 418 0.07 10.37 -24.58
N ALA A 419 1.00 9.55 -24.07
CA ALA A 419 2.14 10.09 -23.34
C ALA A 419 2.99 11.01 -24.20
N ILE A 420 3.06 10.74 -25.51
CA ILE A 420 3.95 11.49 -26.40
C ILE A 420 3.17 12.48 -27.28
N LYS A 421 1.88 12.69 -27.01
CA LYS A 421 1.05 13.46 -27.92
C LYS A 421 1.56 14.89 -28.11
N ASP A 422 2.31 15.43 -27.15
CA ASP A 422 2.76 16.81 -27.21
C ASP A 422 4.20 16.97 -27.68
N PHE A 423 4.81 15.90 -28.19
CA PHE A 423 6.17 15.98 -28.70
C PHE A 423 6.22 16.86 -29.95
N ASN A 424 7.37 17.52 -30.15
CA ASN A 424 7.65 18.17 -31.41
C ASN A 424 8.43 17.22 -32.32
N SER A 425 8.65 17.66 -33.56
CA SER A 425 9.32 16.78 -34.52
C SER A 425 10.65 16.26 -33.99
N ASN A 426 11.41 17.13 -33.30
CA ASN A 426 12.71 16.74 -32.78
C ASN A 426 12.59 15.64 -31.72
N GLU A 427 11.71 15.86 -30.75
CA GLU A 427 11.50 14.84 -29.72
C GLU A 427 10.98 13.54 -30.32
N ARG A 428 10.13 13.65 -31.35
CA ARG A 428 9.62 12.45 -32.00
C ARG A 428 10.74 11.68 -32.69
N SER A 429 11.68 12.38 -33.33
CA SER A 429 12.77 11.66 -33.98
C SER A 429 13.75 11.08 -32.96
N ILE A 430 14.00 11.77 -31.85
CA ILE A 430 14.79 11.18 -30.78
C ILE A 430 14.14 9.89 -30.28
N LEU A 431 12.82 9.95 -30.04
CA LEU A 431 12.10 8.77 -29.58
C LEU A 431 12.20 7.63 -30.58
N LEU A 432 11.98 7.94 -31.87
CA LEU A 432 12.05 6.90 -32.90
C LEU A 432 13.43 6.29 -32.95
N MET A 433 14.47 7.11 -32.82
CA MET A 433 15.83 6.58 -32.75
C MET A 433 15.95 5.58 -31.61
N GLN A 434 15.48 5.96 -30.42
CA GLN A 434 15.55 5.05 -29.28
C GLN A 434 14.79 3.75 -29.57
N LEU A 435 13.59 3.86 -30.14
CA LEU A 435 12.75 2.67 -30.35
C LEU A 435 13.30 1.79 -31.46
N ARG A 436 13.91 2.38 -32.49
CA ARG A 436 14.55 1.58 -33.53
C ARG A 436 15.87 1.00 -33.08
N GLU A 437 16.37 1.38 -31.91
CA GLU A 437 17.58 0.77 -31.36
C GLU A 437 17.47 -0.74 -31.45
N SER A 438 18.55 -1.38 -31.91
CA SER A 438 18.49 -2.78 -32.31
C SER A 438 17.90 -3.67 -31.22
N GLY A 439 18.25 -3.42 -29.96
CA GLY A 439 18.02 -4.37 -28.88
C GLY A 439 16.56 -4.70 -28.60
N LEU A 440 15.64 -3.80 -28.92
CA LEU A 440 14.24 -4.06 -28.61
C LEU A 440 13.57 -4.99 -29.63
N HIS A 441 14.11 -5.09 -30.84
CA HIS A 441 13.55 -5.93 -31.89
C HIS A 441 12.08 -5.61 -32.12
N LEU A 442 11.74 -4.33 -32.10
CA LEU A 442 10.37 -3.92 -32.34
C LEU A 442 9.98 -4.16 -33.78
N PRO A 443 8.84 -4.81 -34.05
CA PRO A 443 8.41 -4.99 -35.43
C PRO A 443 7.95 -3.67 -36.04
N GLU A 444 8.10 -3.57 -37.36
CA GLU A 444 7.81 -2.30 -38.04
C GLU A 444 6.38 -1.84 -37.80
N ASP A 445 5.43 -2.78 -37.75
CA ASP A 445 4.03 -2.39 -37.61
C ASP A 445 3.75 -1.77 -36.24
N LEU A 446 4.32 -2.34 -35.17
CA LEU A 446 4.16 -1.73 -33.86
C LEU A 446 4.79 -0.34 -33.84
N LEU A 447 5.94 -0.18 -34.48
CA LEU A 447 6.55 1.15 -34.59
C LEU A 447 5.61 2.12 -35.27
N GLU A 448 4.95 1.68 -36.35
CA GLU A 448 3.96 2.53 -37.00
C GLU A 448 2.85 2.93 -36.03
N GLN A 449 2.32 1.96 -35.28
CA GLN A 449 1.24 2.26 -34.36
C GLN A 449 1.68 3.19 -33.23
N LEU A 450 2.98 3.19 -32.89
CA LEU A 450 3.42 3.99 -31.77
C LEU A 450 3.62 5.47 -32.12
N GLY A 451 4.00 5.76 -33.36
CA GLY A 451 4.26 7.13 -33.77
C GLY A 451 3.13 7.80 -34.53
N THR B 1 -4.52 -1.37 -6.48
CA THR B 1 -3.60 -1.66 -7.60
C THR B 1 -4.23 -1.25 -8.92
N LYS B 2 -3.53 -0.43 -9.71
CA LYS B 2 -4.02 -0.04 -11.06
C LYS B 2 -2.99 -0.52 -12.08
N GLN B 3 -3.20 -1.72 -12.64
CA GLN B 3 -2.25 -2.25 -13.60
C GLN B 3 -2.80 -2.10 -15.01
N THR B 4 -2.00 -2.53 -16.00
CA THR B 4 -2.33 -2.37 -17.40
C THR B 4 -3.79 -2.72 -17.71
N ALA B 5 -4.59 -1.70 -18.02
CA ALA B 5 -5.93 -1.89 -18.58
C ALA B 5 -7.00 -2.13 -17.52
N ARG B 6 -6.91 -1.45 -16.37
CA ARG B 6 -7.94 -1.52 -15.36
C ARG B 6 -8.67 -0.18 -15.27
N LYS B 7 -9.91 -0.22 -14.81
CA LYS B 7 -10.77 0.96 -14.69
C LYS B 7 -11.29 1.06 -13.27
N SER B 8 -12.07 2.12 -13.01
CA SER B 8 -12.61 2.39 -11.68
C SER B 8 -13.94 1.66 -11.53
N THR B 9 -13.85 0.37 -11.20
CA THR B 9 -15.03 -0.48 -11.03
C THR B 9 -15.47 -0.63 -9.59
N GLY B 10 -14.56 -0.52 -8.64
CA GLY B 10 -14.90 -0.71 -7.24
C GLY B 10 -15.01 -2.18 -6.87
N GLY B 11 -15.49 -2.40 -5.65
CA GLY B 11 -15.71 -3.75 -5.20
C GLY B 11 -14.40 -4.53 -4.97
N LYS B 12 -14.55 -5.85 -4.92
CA LYS B 12 -13.47 -6.75 -4.58
C LYS B 12 -13.45 -7.91 -5.57
N ALA B 13 -12.32 -8.61 -5.62
CA ALA B 13 -12.13 -9.75 -6.51
C ALA B 13 -10.97 -10.59 -5.99
N PRO B 14 -10.97 -11.90 -6.28
CA PRO B 14 -9.92 -12.78 -5.76
C PRO B 14 -8.63 -12.68 -6.57
N ARG B 15 -7.65 -13.50 -6.17
CA ARG B 15 -6.36 -13.65 -6.84
C ARG B 15 -5.35 -12.62 -6.37
#